data_5ZCJ
#
_entry.id   5ZCJ
#
_cell.length_a   111.144
_cell.length_b   103.922
_cell.length_c   61.470
_cell.angle_alpha   90.00
_cell.angle_beta   95.46
_cell.angle_gamma   90.00
#
_symmetry.space_group_name_H-M   'C 1 2 1'
#
loop_
_entity.id
_entity.type
_entity.pdbx_description
1 polymer 'Tudor-interacting repair regulator protein'
2 polymer 'TP53-binding protein 1'
3 water water
#
loop_
_entity_poly.entity_id
_entity_poly.type
_entity_poly.pdbx_seq_one_letter_code
_entity_poly.pdbx_strand_id
1 'polypeptide(L)'
;GPGSVPELKQISRVEAMRLGPGWSHSCHAMLYAANPGQLFGRIPMRFSVLMQMRFDGLLGFPGGFVDRRFWSLEDGLNRV
LGLGLGCLRLTEADYLSSHLTEGPHRVVAHLYARQLTLEQLHAVEISAVHSRDHGLEVLGLVRVPLYTQKDRVGGFPNFL
SNAFVSTAKCQLLFALKVLNMMPEEKLVEALAAATEKQKKALEKLLPASS
;
A,B
2 'polypeptide(L)'
;GPGSRSDSPEIPFQAAAGPSDGLDASSPGNSFVGLRVVAKWSSNGYFYSGKITRDVGAGKYKLLFDDGYECDVLGKDILL
CDPIPLDTEVTALSEDEYFSAGVVKGHRKESGELYYSIEKEGQRKWYKRMAVILSLEQGNRLREQYGLGPYEAVTPLTKA
ADISLDNLVEGKRKRRSNVS
;
C
#
# COMPACT_ATOMS: atom_id res chain seq x y z
N VAL A 5 13.31 -11.39 -5.20
CA VAL A 5 12.26 -11.09 -4.23
C VAL A 5 12.83 -10.27 -3.08
N PRO A 6 12.27 -9.08 -2.85
CA PRO A 6 12.72 -8.27 -1.72
C PRO A 6 12.39 -8.95 -0.39
N GLU A 7 13.31 -8.83 0.55
CA GLU A 7 13.17 -9.47 1.86
C GLU A 7 13.71 -8.54 2.93
N LEU A 8 12.92 -8.33 3.98
CA LEU A 8 13.36 -7.52 5.11
C LEU A 8 14.22 -8.35 6.05
N LYS A 9 15.02 -7.65 6.85
CA LYS A 9 15.85 -8.33 7.85
C LYS A 9 14.97 -8.81 9.00
N GLN A 10 15.08 -10.09 9.31
CA GLN A 10 14.30 -10.67 10.39
C GLN A 10 14.93 -10.40 11.74
N ILE A 11 14.09 -10.43 12.77
CA ILE A 11 14.52 -10.32 14.15
C ILE A 11 13.67 -11.26 14.98
N SER A 12 14.28 -11.93 15.94
CA SER A 12 13.53 -12.83 16.80
C SER A 12 12.60 -12.03 17.70
N ARG A 13 11.56 -12.69 18.21
CA ARG A 13 10.59 -12.00 19.04
C ARG A 13 11.21 -11.48 20.32
N VAL A 14 12.02 -12.30 20.99
CA VAL A 14 12.62 -11.88 22.25
C VAL A 14 13.59 -10.72 22.02
N GLU A 15 14.32 -10.74 20.90
CA GLU A 15 15.19 -9.61 20.58
C GLU A 15 14.39 -8.37 20.21
N ALA A 16 13.23 -8.54 19.56
CA ALA A 16 12.38 -7.40 19.28
C ALA A 16 11.83 -6.76 20.55
N MET A 17 11.59 -7.57 21.58
CA MET A 17 11.09 -7.04 22.85
C MET A 17 12.17 -6.33 23.65
N ARG A 18 13.44 -6.46 23.26
CA ARG A 18 14.52 -5.74 23.92
C ARG A 18 14.81 -4.39 23.28
N LEU A 19 14.19 -4.09 22.14
CA LEU A 19 14.39 -2.80 21.49
C LEU A 19 13.93 -1.67 22.41
N GLY A 20 14.63 -0.54 22.33
CA GLY A 20 14.35 0.60 23.17
C GLY A 20 13.11 1.35 22.74
N PRO A 21 12.78 2.40 23.50
CA PRO A 21 11.54 3.14 23.24
C PRO A 21 11.51 3.85 21.90
N GLY A 22 12.66 4.09 21.27
CA GLY A 22 12.68 4.72 19.95
C GLY A 22 12.14 3.86 18.84
N TRP A 23 11.90 2.58 19.10
CA TRP A 23 11.37 1.66 18.10
C TRP A 23 9.85 1.60 18.19
N SER A 24 9.19 1.81 17.05
CA SER A 24 7.76 1.59 16.96
C SER A 24 7.49 0.13 16.62
N HIS A 25 6.37 -0.38 17.12
CA HIS A 25 5.93 -1.75 16.86
C HIS A 25 4.62 -1.71 16.09
N SER A 26 4.54 -2.47 15.01
CA SER A 26 3.29 -2.68 14.29
C SER A 26 2.98 -4.17 14.27
N CYS A 27 1.69 -4.49 14.29
CA CYS A 27 1.22 -5.86 14.24
C CYS A 27 0.18 -5.95 13.14
N HIS A 28 0.41 -6.84 12.17
CA HIS A 28 -0.52 -7.05 11.08
C HIS A 28 -0.79 -8.54 10.93
N ALA A 29 -2.01 -8.85 10.48
CA ALA A 29 -2.46 -10.23 10.35
C ALA A 29 -2.76 -10.55 8.90
N MET A 30 -2.23 -11.67 8.43
CA MET A 30 -2.60 -12.22 7.12
C MET A 30 -3.61 -13.34 7.36
N LEU A 31 -4.87 -13.06 7.02
CA LEU A 31 -5.95 -14.04 7.15
C LEU A 31 -6.19 -14.68 5.79
N TYR A 32 -6.29 -16.00 5.77
CA TYR A 32 -6.43 -16.70 4.51
C TYR A 32 -7.28 -17.94 4.71
N ALA A 33 -7.68 -18.54 3.59
CA ALA A 33 -8.53 -19.72 3.61
C ALA A 33 -8.33 -20.48 2.30
N ALA A 34 -8.34 -21.80 2.38
CA ALA A 34 -8.41 -22.61 1.17
C ALA A 34 -9.69 -22.27 0.43
N ASN A 35 -9.58 -22.09 -0.88
CA ASN A 35 -10.72 -21.70 -1.72
C ASN A 35 -10.93 -22.75 -2.81
N PRO A 36 -11.94 -23.61 -2.70
CA PRO A 36 -12.18 -24.60 -3.76
C PRO A 36 -12.94 -24.05 -4.95
N GLY A 37 -13.40 -22.80 -4.90
CA GLY A 37 -14.12 -22.23 -6.02
C GLY A 37 -13.25 -22.07 -7.25
N GLN A 38 -13.91 -21.92 -8.39
CA GLN A 38 -13.24 -21.75 -9.67
C GLN A 38 -13.78 -20.50 -10.36
N LEU A 39 -12.89 -19.58 -10.70
CA LEU A 39 -13.28 -18.36 -11.39
C LEU A 39 -13.80 -18.70 -12.78
N PHE A 40 -14.98 -18.17 -13.12
CA PHE A 40 -15.70 -18.53 -14.33
C PHE A 40 -16.00 -20.02 -14.41
N GLY A 41 -15.90 -20.72 -13.28
CA GLY A 41 -15.96 -22.16 -13.26
C GLY A 41 -14.78 -22.85 -13.91
N ARG A 42 -13.69 -22.13 -14.17
CA ARG A 42 -12.60 -22.67 -14.96
C ARG A 42 -11.24 -22.55 -14.28
N ILE A 43 -11.04 -21.50 -13.49
CA ILE A 43 -9.74 -21.17 -12.95
C ILE A 43 -9.74 -21.49 -11.46
N PRO A 44 -9.04 -22.53 -11.02
CA PRO A 44 -8.98 -22.83 -9.58
C PRO A 44 -8.35 -21.68 -8.81
N MET A 45 -9.02 -21.28 -7.72
CA MET A 45 -8.57 -20.14 -6.94
C MET A 45 -7.61 -20.52 -5.83
N ARG A 46 -7.55 -21.79 -5.44
CA ARG A 46 -6.59 -22.30 -4.47
C ARG A 46 -6.75 -21.69 -3.09
N PHE A 47 -6.38 -20.42 -2.93
CA PHE A 47 -6.49 -19.74 -1.65
C PHE A 47 -7.01 -18.33 -1.86
N SER A 48 -7.59 -17.77 -0.79
CA SER A 48 -7.99 -16.37 -0.74
C SER A 48 -7.33 -15.72 0.46
N VAL A 49 -6.68 -14.58 0.23
CA VAL A 49 -5.96 -13.84 1.26
C VAL A 49 -6.57 -12.44 1.36
N LEU A 50 -6.72 -11.95 2.58
CA LEU A 50 -7.33 -10.65 2.82
C LEU A 50 -6.25 -9.57 2.94
N MET A 51 -6.35 -8.55 2.11
CA MET A 51 -5.63 -7.29 2.26
C MET A 51 -6.65 -6.16 2.27
N GLN A 52 -6.17 -4.92 2.35
CA GLN A 52 -7.09 -3.80 2.46
C GLN A 52 -6.47 -2.57 1.81
N MET A 53 -7.35 -1.71 1.29
CA MET A 53 -6.95 -0.38 0.84
C MET A 53 -6.92 0.55 2.05
N ARG A 54 -5.78 1.18 2.28
CA ARG A 54 -5.60 2.04 3.45
C ARG A 54 -5.95 3.48 3.13
N PHE A 55 -6.07 4.29 4.19
CA PHE A 55 -6.38 5.70 4.04
C PHE A 55 -5.39 6.42 3.14
N ASP A 56 -4.13 5.99 3.13
CA ASP A 56 -3.10 6.66 2.35
C ASP A 56 -3.00 6.13 0.93
N GLY A 57 -3.99 5.39 0.45
CA GLY A 57 -4.03 4.95 -0.94
C GLY A 57 -3.18 3.75 -1.26
N LEU A 58 -2.63 3.07 -0.25
CA LEU A 58 -1.77 1.91 -0.47
C LEU A 58 -2.45 0.65 0.06
N LEU A 59 -2.06 -0.49 -0.51
CA LEU A 59 -2.53 -1.78 -0.03
C LEU A 59 -1.69 -2.23 1.15
N GLY A 60 -2.34 -2.88 2.11
CA GLY A 60 -1.65 -3.42 3.26
C GLY A 60 -2.50 -4.47 3.95
N PHE A 61 -1.96 -5.02 5.02
CA PHE A 61 -2.69 -6.00 5.80
C PHE A 61 -3.46 -5.32 6.94
N PRO A 62 -4.54 -5.94 7.41
CA PRO A 62 -5.21 -5.43 8.60
C PRO A 62 -4.25 -5.38 9.79
N GLY A 63 -4.42 -4.37 10.63
CA GLY A 63 -3.55 -4.15 11.77
C GLY A 63 -3.01 -2.74 11.75
N GLY A 64 -1.93 -2.53 12.47
CA GLY A 64 -1.32 -1.22 12.57
C GLY A 64 -0.35 -1.15 13.74
N PHE A 65 0.02 0.07 14.08
CA PHE A 65 0.93 0.27 15.21
C PHE A 65 0.26 -0.13 16.52
N VAL A 66 1.05 -0.69 17.42
CA VAL A 66 0.57 -1.13 18.72
C VAL A 66 1.43 -0.52 19.81
N ASP A 67 0.84 -0.37 21.00
CA ASP A 67 1.55 0.11 22.18
C ASP A 67 1.99 -1.11 22.99
N ARG A 68 3.30 -1.26 23.16
CA ARG A 68 3.87 -2.42 23.83
C ARG A 68 4.36 -2.13 25.24
N ARG A 69 4.13 -0.92 25.76
CA ARG A 69 4.60 -0.57 27.09
C ARG A 69 4.00 -1.50 28.14
N PHE A 70 2.67 -1.64 28.14
CA PHE A 70 1.97 -2.36 29.19
C PHE A 70 1.16 -3.55 28.67
N TRP A 71 1.31 -3.91 27.39
CA TRP A 71 0.47 -4.95 26.81
C TRP A 71 1.31 -5.86 25.92
N SER A 72 0.85 -7.09 25.79
CA SER A 72 1.45 -8.02 24.84
C SER A 72 1.17 -7.58 23.41
N LEU A 73 1.98 -8.10 22.48
CA LEU A 73 1.72 -7.83 21.07
C LEU A 73 0.35 -8.35 20.65
N GLU A 74 -0.10 -9.45 21.25
CA GLU A 74 -1.39 -10.03 20.88
C GLU A 74 -2.54 -9.11 21.30
N ASP A 75 -2.44 -8.52 22.49
CA ASP A 75 -3.48 -7.59 22.94
C ASP A 75 -3.53 -6.36 22.05
N GLY A 76 -2.37 -5.79 21.71
CA GLY A 76 -2.35 -4.66 20.82
C GLY A 76 -2.90 -4.99 19.44
N LEU A 77 -2.51 -6.15 18.90
CA LEU A 77 -3.03 -6.57 17.60
C LEU A 77 -4.54 -6.73 17.64
N ASN A 78 -5.06 -7.40 18.68
CA ASN A 78 -6.50 -7.60 18.78
C ASN A 78 -7.24 -6.28 18.97
N ARG A 79 -6.60 -5.30 19.60
CA ARG A 79 -7.22 -3.98 19.71
C ARG A 79 -7.36 -3.32 18.35
N VAL A 80 -6.30 -3.33 17.55
CA VAL A 80 -6.35 -2.71 16.23
C VAL A 80 -7.25 -3.51 15.29
N LEU A 81 -7.20 -4.84 15.37
CA LEU A 81 -8.08 -5.68 14.57
C LEU A 81 -9.54 -5.46 14.96
N GLY A 82 -9.80 -5.18 16.23
CA GLY A 82 -11.16 -4.86 16.65
C GLY A 82 -11.69 -3.59 15.99
N LEU A 83 -10.81 -2.61 15.75
CA LEU A 83 -11.23 -1.36 15.14
C LEU A 83 -11.36 -1.50 13.63
N GLY A 84 -10.47 -2.26 12.99
CA GLY A 84 -10.44 -2.35 11.54
C GLY A 84 -11.23 -3.49 10.95
N LEU A 85 -11.50 -4.52 11.74
CA LEU A 85 -12.25 -5.68 11.28
C LEU A 85 -13.52 -5.96 12.08
N GLY A 86 -13.52 -5.68 13.38
CA GLY A 86 -14.70 -5.89 14.18
C GLY A 86 -14.88 -7.29 14.71
N CYS A 87 -13.87 -8.14 14.62
CA CYS A 87 -13.99 -9.53 15.03
C CYS A 87 -12.59 -10.10 15.23
N LEU A 88 -12.54 -11.41 15.51
CA LEU A 88 -11.30 -12.18 15.60
C LEU A 88 -10.49 -11.86 16.83
N ARG A 89 -10.05 -12.89 17.54
CA ARG A 89 -9.09 -12.77 18.64
C ARG A 89 -7.93 -13.70 18.31
N LEU A 90 -6.81 -13.12 17.90
CA LEU A 90 -5.63 -13.89 17.56
C LEU A 90 -4.76 -14.12 18.79
N THR A 91 -3.95 -15.17 18.75
CA THR A 91 -3.13 -15.58 19.89
C THR A 91 -1.68 -15.66 19.47
N GLU A 92 -0.82 -15.99 20.44
CA GLU A 92 0.60 -16.20 20.15
C GLU A 92 0.83 -17.35 19.19
N ALA A 93 -0.10 -18.30 19.12
CA ALA A 93 0.02 -19.40 18.16
C ALA A 93 -0.08 -18.93 16.71
N ASP A 94 -0.62 -17.73 16.48
CA ASP A 94 -0.71 -17.18 15.15
C ASP A 94 0.47 -16.29 14.78
N TYR A 95 1.39 -16.06 15.71
CA TYR A 95 2.60 -15.29 15.42
C TYR A 95 3.45 -16.01 14.39
N LEU A 96 3.92 -15.26 13.39
CA LEU A 96 4.70 -15.84 12.30
C LEU A 96 6.14 -15.36 12.29
N SER A 97 6.37 -14.04 12.28
CA SER A 97 7.72 -13.52 12.20
C SER A 97 7.72 -12.05 12.59
N SER A 98 8.93 -11.51 12.75
CA SER A 98 9.14 -10.08 12.99
C SER A 98 10.23 -9.60 12.04
N HIS A 99 10.00 -8.46 11.41
CA HIS A 99 10.95 -7.87 10.47
C HIS A 99 11.20 -6.43 10.83
N LEU A 100 12.45 -5.99 10.63
CA LEU A 100 12.78 -4.58 10.70
C LEU A 100 12.45 -3.92 9.36
N THR A 101 11.67 -2.84 9.40
CA THR A 101 11.27 -2.17 8.17
C THR A 101 12.46 -1.43 7.55
N GLU A 102 12.27 -0.99 6.31
CA GLU A 102 13.35 -0.38 5.54
C GLU A 102 13.69 1.04 5.97
N GLY A 103 12.96 1.61 6.91
CA GLY A 103 13.30 2.91 7.45
C GLY A 103 12.73 4.05 6.62
N PRO A 104 13.20 5.29 6.87
CA PRO A 104 14.28 5.64 7.81
C PRO A 104 13.88 5.56 9.28
N HIS A 105 12.58 5.49 9.56
CA HIS A 105 12.13 5.41 10.94
C HIS A 105 12.31 3.99 11.47
N ARG A 106 12.56 3.90 12.77
CA ARG A 106 12.84 2.62 13.43
C ARG A 106 11.52 1.93 13.73
N VAL A 107 11.17 0.94 12.93
CA VAL A 107 9.92 0.19 13.08
C VAL A 107 10.22 -1.29 12.96
N VAL A 108 9.68 -2.08 13.90
CA VAL A 108 9.70 -3.53 13.81
C VAL A 108 8.27 -3.98 13.51
N ALA A 109 8.13 -4.81 12.48
CA ALA A 109 6.82 -5.22 11.98
C ALA A 109 6.60 -6.69 12.34
N HIS A 110 5.63 -6.96 13.20
CA HIS A 110 5.28 -8.32 13.59
C HIS A 110 4.15 -8.83 12.71
N LEU A 111 4.36 -9.99 12.11
CA LEU A 111 3.40 -10.59 11.18
C LEU A 111 2.70 -11.76 11.85
N TYR A 112 1.38 -11.76 11.80
CA TYR A 112 0.56 -12.87 12.26
C TYR A 112 -0.18 -13.47 11.07
N ALA A 113 -0.47 -14.77 11.16
CA ALA A 113 -1.16 -15.48 10.11
C ALA A 113 -2.10 -16.51 10.72
N ARG A 114 -3.30 -16.61 10.16
CA ARG A 114 -4.29 -17.56 10.67
C ARG A 114 -5.12 -18.05 9.49
N GLN A 115 -5.21 -19.37 9.36
CA GLN A 115 -6.03 -19.98 8.32
C GLN A 115 -7.45 -20.16 8.85
N LEU A 116 -8.41 -19.60 8.15
CA LEU A 116 -9.82 -19.76 8.46
C LEU A 116 -10.47 -20.65 7.42
N THR A 117 -11.73 -21.02 7.67
CA THR A 117 -12.53 -21.54 6.59
C THR A 117 -12.97 -20.38 5.70
N LEU A 118 -13.33 -20.71 4.45
CA LEU A 118 -13.80 -19.68 3.53
C LEU A 118 -15.03 -18.96 4.09
N GLU A 119 -15.90 -19.70 4.78
CA GLU A 119 -17.06 -19.08 5.41
C GLU A 119 -16.65 -18.12 6.53
N GLN A 120 -15.61 -18.49 7.29
CA GLN A 120 -15.12 -17.59 8.33
C GLN A 120 -14.47 -16.36 7.71
N LEU A 121 -13.70 -16.54 6.63
CA LEU A 121 -13.09 -15.40 5.95
C LEU A 121 -14.15 -14.43 5.45
N HIS A 122 -15.23 -14.96 4.87
CA HIS A 122 -16.32 -14.11 4.41
C HIS A 122 -16.99 -13.38 5.57
N ALA A 123 -17.10 -14.05 6.72
CA ALA A 123 -17.67 -13.40 7.90
C ALA A 123 -16.78 -12.25 8.38
N VAL A 124 -15.46 -12.37 8.19
CA VAL A 124 -14.57 -11.25 8.51
C VAL A 124 -14.84 -10.09 7.56
N GLU A 125 -15.04 -10.38 6.27
CA GLU A 125 -15.36 -9.33 5.31
C GLU A 125 -16.66 -8.63 5.68
N ILE A 126 -17.68 -9.40 6.07
CA ILE A 126 -18.96 -8.81 6.46
C ILE A 126 -18.80 -7.94 7.70
N SER A 127 -17.99 -8.40 8.66
CA SER A 127 -17.76 -7.61 9.87
C SER A 127 -16.94 -6.36 9.57
N ALA A 128 -16.07 -6.41 8.57
CA ALA A 128 -15.19 -5.28 8.30
C ALA A 128 -15.94 -4.07 7.79
N VAL A 129 -17.00 -4.29 6.99
N VAL A 129 -16.99 -4.29 6.98
CA VAL A 129 -17.77 -3.19 6.44
CA VAL A 129 -17.76 -3.17 6.46
C VAL A 129 -18.64 -2.50 7.48
C VAL A 129 -18.53 -2.44 7.54
N HIS A 130 -18.81 -3.11 8.66
CA HIS A 130 -19.50 -2.49 9.78
C HIS A 130 -18.54 -1.96 10.84
N SER A 131 -17.24 -1.98 10.56
CA SER A 131 -16.25 -1.68 11.58
C SER A 131 -16.08 -0.18 11.78
N ARG A 132 -15.48 0.18 12.92
CA ARG A 132 -15.30 1.58 13.27
C ARG A 132 -14.36 2.29 12.30
N ASP A 133 -13.32 1.58 11.84
CA ASP A 133 -12.34 2.17 10.95
C ASP A 133 -12.79 2.21 9.49
N HIS A 134 -13.93 1.58 9.15
CA HIS A 134 -14.37 1.56 7.76
C HIS A 134 -14.77 2.96 7.31
N GLY A 135 -14.23 3.38 6.16
CA GLY A 135 -14.43 4.72 5.69
C GLY A 135 -13.51 5.76 6.31
N LEU A 136 -12.62 5.35 7.20
CA LEU A 136 -11.65 6.26 7.80
C LEU A 136 -10.24 5.76 7.53
N GLU A 137 -9.72 4.90 8.40
CA GLU A 137 -8.39 4.35 8.19
C GLU A 137 -8.38 3.22 7.16
N VAL A 138 -9.49 2.49 7.04
CA VAL A 138 -9.61 1.37 6.11
C VAL A 138 -10.64 1.75 5.06
N LEU A 139 -10.25 1.69 3.80
CA LEU A 139 -11.13 2.08 2.69
C LEU A 139 -11.77 0.90 2.00
N GLY A 140 -11.49 -0.33 2.43
CA GLY A 140 -12.10 -1.50 1.83
C GLY A 140 -11.17 -2.70 1.82
N LEU A 141 -11.72 -3.87 2.12
CA LEU A 141 -10.95 -5.11 2.03
C LEU A 141 -10.93 -5.62 0.61
N VAL A 142 -9.81 -6.24 0.24
CA VAL A 142 -9.68 -6.88 -1.07
C VAL A 142 -9.06 -8.26 -0.88
N ARG A 143 -9.48 -9.20 -1.72
CA ARG A 143 -8.91 -10.53 -1.73
C ARG A 143 -7.77 -10.59 -2.74
N VAL A 144 -6.69 -11.27 -2.37
CA VAL A 144 -5.54 -11.43 -3.26
C VAL A 144 -5.86 -12.54 -4.25
N PRO A 145 -5.80 -12.28 -5.55
CA PRO A 145 -5.92 -13.37 -6.53
C PRO A 145 -4.59 -14.09 -6.68
N LEU A 146 -4.58 -15.40 -6.44
CA LEU A 146 -3.36 -16.19 -6.46
C LEU A 146 -3.17 -16.94 -7.77
N TYR A 147 -4.12 -16.84 -8.69
CA TYR A 147 -4.03 -17.46 -10.01
C TYR A 147 -3.39 -16.49 -10.99
N THR A 148 -2.89 -17.05 -12.10
CA THR A 148 -2.37 -16.26 -13.20
C THR A 148 -3.07 -16.68 -14.48
N GLN A 149 -3.61 -15.71 -15.22
CA GLN A 149 -4.28 -16.00 -16.47
C GLN A 149 -3.28 -16.34 -17.57
N LYS A 150 -3.80 -16.79 -18.69
CA LYS A 150 -2.95 -17.26 -19.79
C LYS A 150 -2.09 -16.16 -20.37
N ASP A 151 -2.46 -14.89 -20.18
CA ASP A 151 -1.66 -13.79 -20.67
C ASP A 151 -0.45 -13.49 -19.79
N ARG A 152 -0.23 -14.29 -18.75
CA ARG A 152 0.91 -14.24 -17.82
C ARG A 152 0.88 -13.05 -16.88
N VAL A 153 -0.17 -12.22 -16.89
CA VAL A 153 -0.21 -11.06 -16.01
C VAL A 153 -1.54 -10.97 -15.28
N GLY A 154 -2.61 -11.45 -15.91
CA GLY A 154 -3.92 -11.41 -15.31
C GLY A 154 -4.00 -12.15 -13.98
N GLY A 155 -4.43 -11.45 -12.94
CA GLY A 155 -4.50 -12.05 -11.62
C GLY A 155 -3.36 -11.63 -10.71
N PHE A 156 -2.59 -12.62 -10.23
CA PHE A 156 -1.56 -12.35 -9.24
C PHE A 156 -0.50 -11.36 -9.71
N PRO A 157 0.09 -11.48 -10.91
CA PRO A 157 1.09 -10.47 -11.32
C PRO A 157 0.53 -9.06 -11.37
N ASN A 158 -0.67 -8.88 -11.93
CA ASN A 158 -1.28 -7.57 -11.94
C ASN A 158 -1.50 -7.05 -10.52
N PHE A 159 -1.95 -7.93 -9.61
CA PHE A 159 -2.17 -7.51 -8.24
C PHE A 159 -0.88 -7.02 -7.61
N LEU A 160 0.25 -7.69 -7.89
CA LEU A 160 1.53 -7.27 -7.34
C LEU A 160 2.02 -5.96 -7.93
N SER A 161 1.44 -5.53 -9.05
CA SER A 161 1.83 -4.26 -9.66
C SER A 161 1.11 -3.06 -9.05
N ASN A 162 0.24 -3.28 -8.07
CA ASN A 162 -0.43 -2.19 -7.39
C ASN A 162 0.53 -1.49 -6.43
N ALA A 163 0.02 -0.49 -5.72
CA ALA A 163 0.82 0.30 -4.79
C ALA A 163 0.66 -0.25 -3.38
N PHE A 164 1.76 -0.75 -2.82
CA PHE A 164 1.76 -1.37 -1.50
C PHE A 164 2.55 -0.53 -0.51
N VAL A 165 2.19 -0.63 0.76
CA VAL A 165 3.17 -0.38 1.81
C VAL A 165 4.30 -1.39 1.62
N SER A 166 5.53 -0.89 1.55
CA SER A 166 6.66 -1.77 1.22
C SER A 166 6.75 -2.94 2.19
N THR A 167 6.45 -2.72 3.47
CA THR A 167 6.47 -3.79 4.45
C THR A 167 5.45 -4.86 4.12
N ALA A 168 4.26 -4.46 3.67
CA ALA A 168 3.18 -5.41 3.43
C ALA A 168 3.47 -6.29 2.21
N LYS A 169 4.08 -5.70 1.18
CA LYS A 169 4.42 -6.50 0.00
C LYS A 169 5.48 -7.54 0.35
N CYS A 170 6.45 -7.17 1.18
CA CYS A 170 7.44 -8.14 1.64
C CYS A 170 6.78 -9.21 2.50
N GLN A 171 5.87 -8.81 3.39
CA GLN A 171 5.21 -9.77 4.26
C GLN A 171 4.35 -10.74 3.46
N LEU A 172 3.65 -10.24 2.43
CA LEU A 172 2.80 -11.10 1.61
C LEU A 172 3.63 -12.17 0.91
N LEU A 173 4.73 -11.77 0.27
CA LEU A 173 5.57 -12.73 -0.44
C LEU A 173 6.25 -13.68 0.54
N PHE A 174 6.64 -13.17 1.71
CA PHE A 174 7.25 -14.02 2.73
C PHE A 174 6.27 -15.07 3.23
N ALA A 175 5.04 -14.66 3.54
CA ALA A 175 4.07 -15.57 4.11
C ALA A 175 3.60 -16.61 3.09
N LEU A 176 3.34 -16.18 1.84
CA LEU A 176 2.94 -17.13 0.81
C LEU A 176 3.99 -18.21 0.60
N LYS A 177 5.27 -17.87 0.79
CA LYS A 177 6.34 -18.85 0.64
C LYS A 177 6.37 -19.81 1.83
N VAL A 178 6.50 -19.27 3.04
CA VAL A 178 6.74 -20.12 4.21
C VAL A 178 5.49 -20.86 4.66
N LEU A 179 4.29 -20.43 4.25
CA LEU A 179 3.07 -21.16 4.53
C LEU A 179 2.75 -22.20 3.46
N ASN A 180 3.64 -22.38 2.49
CA ASN A 180 3.49 -23.40 1.44
C ASN A 180 2.22 -23.17 0.62
N MET A 181 1.90 -21.90 0.38
CA MET A 181 0.76 -21.56 -0.46
C MET A 181 1.14 -21.30 -1.91
N MET A 182 2.39 -20.91 -2.17
CA MET A 182 2.90 -20.67 -3.50
C MET A 182 4.36 -21.08 -3.54
N PRO A 183 4.80 -21.80 -4.58
CA PRO A 183 6.23 -22.08 -4.72
C PRO A 183 7.02 -20.81 -4.94
N GLU A 184 8.26 -20.80 -4.41
CA GLU A 184 9.08 -19.60 -4.49
C GLU A 184 9.34 -19.21 -5.94
N GLU A 185 9.54 -20.18 -6.82
CA GLU A 185 9.81 -19.87 -8.22
C GLU A 185 8.65 -19.14 -8.86
N LYS A 186 7.43 -19.50 -8.51
CA LYS A 186 6.26 -18.82 -9.07
C LYS A 186 6.11 -17.41 -8.49
N LEU A 187 6.49 -17.22 -7.22
CA LEU A 187 6.49 -15.88 -6.66
C LEU A 187 7.49 -14.98 -7.37
N VAL A 188 8.68 -15.51 -7.67
CA VAL A 188 9.68 -14.73 -8.39
C VAL A 188 9.18 -14.38 -9.78
N GLU A 189 8.56 -15.34 -10.47
CA GLU A 189 8.08 -15.08 -11.82
C GLU A 189 6.93 -14.08 -11.84
N ALA A 190 6.01 -14.20 -10.87
CA ALA A 190 4.91 -13.24 -10.80
C ALA A 190 5.42 -11.84 -10.48
N LEU A 191 6.42 -11.74 -9.61
CA LEU A 191 6.98 -10.43 -9.28
C LEU A 191 7.76 -9.84 -10.44
N ALA A 192 8.41 -10.69 -11.25
CA ALA A 192 9.12 -10.19 -12.41
C ALA A 192 8.16 -9.67 -13.47
N ALA A 193 7.04 -10.36 -13.68
CA ALA A 193 6.04 -9.88 -14.63
C ALA A 193 5.39 -8.60 -14.13
N ALA A 194 5.16 -8.49 -12.83
CA ALA A 194 4.60 -7.27 -12.26
C ALA A 194 5.55 -6.09 -12.46
N THR A 195 6.83 -6.29 -12.12
CA THR A 195 7.81 -5.23 -12.31
C THR A 195 7.93 -4.85 -13.78
N GLU A 196 7.88 -5.84 -14.67
CA GLU A 196 7.89 -5.57 -16.11
C GLU A 196 6.74 -4.66 -16.49
N LYS A 197 5.53 -4.99 -16.05
CA LYS A 197 4.37 -4.16 -16.37
C LYS A 197 4.53 -2.75 -15.83
N GLN A 198 5.11 -2.61 -14.63
CA GLN A 198 5.35 -1.27 -14.09
C GLN A 198 6.40 -0.52 -14.91
N LYS A 199 7.39 -1.25 -15.44
CA LYS A 199 8.41 -0.61 -16.28
C LYS A 199 7.81 -0.08 -17.58
N LYS A 200 7.02 -0.91 -18.26
CA LYS A 200 6.47 -0.50 -19.54
C LYS A 200 5.41 0.59 -19.39
N ALA A 201 4.75 0.64 -18.23
CA ALA A 201 3.72 1.65 -18.01
C ALA A 201 4.30 3.05 -17.99
N LEU A 202 5.50 3.21 -17.42
CA LEU A 202 6.14 4.51 -17.34
C LEU A 202 6.74 4.96 -18.67
N GLU A 203 6.76 4.10 -19.67
CA GLU A 203 7.27 4.49 -20.99
C GLU A 203 6.19 5.18 -21.81
N VAL B 5 -2.28 14.24 -18.17
CA VAL B 5 -3.54 13.56 -17.90
C VAL B 5 -3.90 12.65 -19.07
N PRO B 6 -4.11 11.37 -18.78
CA PRO B 6 -4.52 10.43 -19.84
C PRO B 6 -5.92 10.74 -20.32
N GLU B 7 -6.07 10.97 -21.62
CA GLU B 7 -7.33 11.37 -22.23
C GLU B 7 -7.70 10.38 -23.33
N LEU B 8 -8.92 9.83 -23.23
CA LEU B 8 -9.47 8.98 -24.28
C LEU B 8 -10.33 9.81 -25.22
N LYS B 9 -10.36 9.41 -26.49
CA LYS B 9 -11.20 10.10 -27.46
C LYS B 9 -12.66 9.94 -27.06
N GLN B 10 -13.31 11.05 -26.71
CA GLN B 10 -14.72 11.00 -26.35
C GLN B 10 -15.58 10.99 -27.61
N ILE B 11 -16.65 10.21 -27.57
CA ILE B 11 -17.64 10.19 -28.65
C ILE B 11 -19.02 10.24 -28.01
N SER B 12 -19.96 10.82 -28.73
CA SER B 12 -21.30 10.98 -28.21
C SER B 12 -22.04 9.64 -28.22
N ARG B 13 -23.24 9.63 -27.64
CA ARG B 13 -23.94 8.38 -27.39
C ARG B 13 -24.52 7.78 -28.67
N VAL B 14 -25.27 8.56 -29.45
CA VAL B 14 -25.92 7.99 -30.63
C VAL B 14 -24.91 7.61 -31.70
N GLU B 15 -23.69 8.15 -31.65
CA GLU B 15 -22.64 7.66 -32.54
C GLU B 15 -22.15 6.29 -32.12
N ALA B 16 -22.08 6.03 -30.82
CA ALA B 16 -21.66 4.72 -30.34
C ALA B 16 -22.69 3.66 -30.71
N MET B 17 -23.98 3.99 -30.65
CA MET B 17 -25.04 3.03 -30.96
C MET B 17 -25.10 2.68 -32.44
N ARG B 18 -24.40 3.42 -33.30
CA ARG B 18 -24.39 3.17 -34.73
C ARG B 18 -23.09 2.51 -35.18
N LEU B 19 -22.21 2.15 -34.26
CA LEU B 19 -20.99 1.45 -34.62
C LEU B 19 -21.32 0.02 -35.05
N GLY B 20 -20.45 -0.54 -35.90
CA GLY B 20 -20.69 -1.84 -36.47
C GLY B 20 -20.59 -2.94 -35.42
N PRO B 21 -20.83 -4.18 -35.87
CA PRO B 21 -20.75 -5.31 -34.94
C PRO B 21 -19.35 -5.60 -34.43
N GLY B 22 -18.32 -5.06 -35.08
CA GLY B 22 -16.95 -5.23 -34.62
C GLY B 22 -16.58 -4.44 -33.40
N TRP B 23 -17.53 -3.72 -32.80
CA TRP B 23 -17.29 -2.92 -31.61
C TRP B 23 -17.94 -3.57 -30.41
N SER B 24 -17.17 -3.72 -29.34
CA SER B 24 -17.71 -4.19 -28.06
C SER B 24 -18.11 -2.99 -27.21
N HIS B 25 -19.12 -3.20 -26.37
CA HIS B 25 -19.65 -2.15 -25.50
C HIS B 25 -19.51 -2.59 -24.05
N SER B 26 -18.99 -1.70 -23.22
CA SER B 26 -18.92 -1.91 -21.79
C SER B 26 -19.62 -0.75 -21.08
N CYS B 27 -20.28 -1.06 -19.97
CA CYS B 27 -20.96 -0.06 -19.16
C CYS B 27 -20.47 -0.16 -17.73
N HIS B 28 -20.04 0.97 -17.17
CA HIS B 28 -19.56 1.03 -15.80
C HIS B 28 -20.21 2.20 -15.08
N ALA B 29 -20.31 2.08 -13.76
CA ALA B 29 -20.98 3.06 -12.93
C ALA B 29 -20.02 3.61 -11.90
N MET B 30 -19.95 4.93 -11.80
CA MET B 30 -19.24 5.60 -10.72
C MET B 30 -20.27 6.07 -9.69
N LEU B 31 -20.29 5.41 -8.54
CA LEU B 31 -21.16 5.78 -7.43
C LEU B 31 -20.35 6.62 -6.46
N TYR B 32 -20.90 7.77 -6.06
CA TYR B 32 -20.17 8.68 -5.19
C TYR B 32 -21.13 9.40 -4.27
N ALA B 33 -20.58 9.98 -3.22
CA ALA B 33 -21.36 10.66 -2.20
C ALA B 33 -20.54 11.78 -1.61
N ALA B 34 -21.22 12.86 -1.23
CA ALA B 34 -20.57 13.93 -0.49
C ALA B 34 -20.20 13.43 0.91
N ASN B 35 -18.93 13.63 1.29
CA ASN B 35 -18.43 13.12 2.56
C ASN B 35 -18.08 14.29 3.48
N PRO B 36 -18.84 14.56 4.54
CA PRO B 36 -18.51 15.66 5.44
C PRO B 36 -17.49 15.30 6.50
N GLY B 37 -16.98 14.07 6.52
CA GLY B 37 -16.07 13.64 7.55
C GLY B 37 -14.66 14.18 7.35
N GLN B 38 -13.87 14.04 8.41
CA GLN B 38 -12.48 14.49 8.42
C GLN B 38 -11.59 13.34 8.83
N LEU B 39 -10.51 13.13 8.09
CA LEU B 39 -9.53 12.10 8.44
C LEU B 39 -8.56 12.65 9.48
N PHE B 40 -8.47 11.96 10.62
CA PHE B 40 -7.63 12.38 11.73
C PHE B 40 -8.01 13.76 12.25
N GLY B 41 -9.29 14.10 12.14
CA GLY B 41 -9.78 15.40 12.56
C GLY B 41 -9.03 16.58 11.97
N ARG B 42 -8.59 16.46 10.71
CA ARG B 42 -7.75 17.50 10.13
C ARG B 42 -7.94 17.60 8.62
N ILE B 43 -8.06 16.46 7.95
CA ILE B 43 -8.06 16.39 6.50
C ILE B 43 -9.48 16.15 6.02
N PRO B 44 -10.08 17.09 5.29
CA PRO B 44 -11.45 16.86 4.79
C PRO B 44 -11.46 15.77 3.72
N MET B 45 -12.44 14.88 3.82
CA MET B 45 -12.57 13.81 2.83
C MET B 45 -13.34 14.27 1.60
N ARG B 46 -14.22 15.27 1.75
CA ARG B 46 -14.91 15.93 0.65
C ARG B 46 -15.89 14.98 -0.07
N PHE B 47 -15.36 13.95 -0.74
CA PHE B 47 -16.20 12.99 -1.44
C PHE B 47 -15.64 11.59 -1.27
N SER B 48 -16.54 10.61 -1.38
CA SER B 48 -16.17 9.20 -1.45
C SER B 48 -16.77 8.61 -2.72
N VAL B 49 -15.94 7.96 -3.52
CA VAL B 49 -16.38 7.29 -4.74
C VAL B 49 -15.95 5.83 -4.68
N LEU B 50 -16.80 4.95 -5.21
CA LEU B 50 -16.60 3.52 -5.13
C LEU B 50 -15.88 3.00 -6.38
N MET B 51 -14.78 2.30 -6.17
CA MET B 51 -14.14 1.47 -7.18
C MET B 51 -14.00 0.06 -6.61
N GLN B 52 -13.40 -0.84 -7.38
CA GLN B 52 -13.34 -2.22 -6.95
C GLN B 52 -12.09 -2.89 -7.47
N MET B 53 -11.58 -3.86 -6.70
CA MET B 53 -10.53 -4.74 -7.17
C MET B 53 -11.16 -5.86 -7.98
N ARG B 54 -10.71 -6.03 -9.22
CA ARG B 54 -11.28 -7.01 -10.12
C ARG B 54 -10.54 -8.34 -10.02
N PHE B 55 -11.13 -9.36 -10.65
CA PHE B 55 -10.53 -10.70 -10.66
C PHE B 55 -9.13 -10.69 -11.24
N ASP B 56 -8.84 -9.79 -12.18
CA ASP B 56 -7.55 -9.77 -12.85
C ASP B 56 -6.52 -8.91 -12.11
N GLY B 57 -6.81 -8.50 -10.88
CA GLY B 57 -5.84 -7.78 -10.08
C GLY B 57 -5.77 -6.29 -10.34
N LEU B 58 -6.69 -5.73 -11.12
CA LEU B 58 -6.69 -4.32 -11.44
C LEU B 58 -7.88 -3.63 -10.79
N LEU B 59 -7.74 -2.32 -10.57
CA LEU B 59 -8.82 -1.51 -10.04
C LEU B 59 -9.71 -1.02 -11.18
N GLY B 60 -11.00 -0.99 -10.92
CA GLY B 60 -11.94 -0.50 -11.91
C GLY B 60 -13.25 -0.12 -11.26
N PHE B 61 -14.21 0.24 -12.09
CA PHE B 61 -15.55 0.58 -11.63
C PHE B 61 -16.45 -0.64 -11.71
N PRO B 62 -17.51 -0.68 -10.90
CA PRO B 62 -18.53 -1.72 -11.09
C PRO B 62 -19.13 -1.61 -12.49
N GLY B 63 -19.31 -2.76 -13.12
CA GLY B 63 -19.82 -2.81 -14.47
C GLY B 63 -19.12 -3.91 -15.25
N GLY B 64 -19.39 -3.94 -16.55
CA GLY B 64 -18.77 -4.94 -17.39
C GLY B 64 -19.26 -4.82 -18.82
N PHE B 65 -18.87 -5.80 -19.63
CA PHE B 65 -19.29 -5.82 -21.03
C PHE B 65 -20.79 -6.02 -21.14
N VAL B 66 -21.37 -5.42 -22.17
CA VAL B 66 -22.80 -5.53 -22.45
C VAL B 66 -22.96 -6.06 -23.87
N ASP B 67 -23.69 -7.17 -24.00
CA ASP B 67 -23.97 -7.77 -25.31
C ASP B 67 -25.23 -7.11 -25.86
N ARG B 68 -25.04 -6.19 -26.81
CA ARG B 68 -26.16 -5.42 -27.35
C ARG B 68 -27.12 -6.25 -28.18
N ARG B 69 -26.75 -7.49 -28.53
CA ARG B 69 -27.68 -8.36 -29.25
C ARG B 69 -28.90 -8.71 -28.41
N PHE B 70 -28.77 -8.65 -27.07
CA PHE B 70 -29.85 -9.03 -26.18
C PHE B 70 -30.19 -8.00 -25.11
N TRP B 71 -29.32 -7.04 -24.83
CA TRP B 71 -29.53 -6.09 -23.75
C TRP B 71 -29.31 -4.67 -24.24
N SER B 72 -30.13 -3.75 -23.73
CA SER B 72 -29.82 -2.34 -23.84
C SER B 72 -28.62 -2.01 -22.94
N LEU B 73 -28.10 -0.80 -23.09
CA LEU B 73 -26.98 -0.38 -22.26
C LEU B 73 -27.36 -0.38 -20.79
N GLU B 74 -28.57 0.12 -20.48
CA GLU B 74 -29.00 0.21 -19.08
C GLU B 74 -29.29 -1.16 -18.51
N ASP B 75 -29.95 -2.03 -19.28
CA ASP B 75 -30.25 -3.38 -18.80
C ASP B 75 -28.99 -4.20 -18.65
N GLY B 76 -28.03 -4.04 -19.57
CA GLY B 76 -26.76 -4.75 -19.46
C GLY B 76 -25.96 -4.28 -18.26
N LEU B 77 -25.95 -2.97 -18.01
CA LEU B 77 -25.28 -2.45 -16.83
C LEU B 77 -25.94 -2.98 -15.55
N ASN B 78 -27.26 -2.87 -15.46
CA ASN B 78 -27.96 -3.31 -14.27
C ASN B 78 -27.87 -4.81 -14.04
N ARG B 79 -27.58 -5.59 -15.10
CA ARG B 79 -27.40 -7.02 -14.91
C ARG B 79 -26.19 -7.31 -14.03
N VAL B 80 -25.04 -6.74 -14.38
CA VAL B 80 -23.84 -7.00 -13.59
C VAL B 80 -23.81 -6.16 -12.32
N LEU B 81 -24.51 -5.01 -12.30
CA LEU B 81 -24.64 -4.28 -11.04
C LEU B 81 -25.41 -5.10 -10.02
N GLY B 82 -26.44 -5.84 -10.47
CA GLY B 82 -27.15 -6.72 -9.57
C GLY B 82 -26.28 -7.85 -9.05
N LEU B 83 -25.36 -8.34 -9.88
CA LEU B 83 -24.45 -9.40 -9.47
C LEU B 83 -23.37 -8.89 -8.52
N GLY B 84 -22.88 -7.67 -8.76
CA GLY B 84 -21.75 -7.15 -8.00
C GLY B 84 -22.12 -6.29 -6.81
N LEU B 85 -23.25 -5.60 -6.89
CA LEU B 85 -23.74 -4.77 -5.81
C LEU B 85 -25.13 -5.17 -5.34
N GLY B 86 -26.04 -5.40 -6.28
CA GLY B 86 -27.40 -5.81 -5.94
C GLY B 86 -28.37 -4.67 -5.81
N CYS B 87 -28.31 -3.94 -4.69
CA CYS B 87 -29.36 -3.02 -4.29
C CYS B 87 -29.46 -1.75 -5.13
N LEU B 88 -29.02 -1.77 -6.38
CA LEU B 88 -29.01 -0.57 -7.18
C LEU B 88 -29.49 -0.83 -8.60
N ARG B 89 -30.27 0.12 -9.12
CA ARG B 89 -30.71 0.11 -10.51
C ARG B 89 -30.52 1.50 -11.09
N LEU B 90 -29.74 1.60 -12.15
CA LEU B 90 -29.48 2.87 -12.81
C LEU B 90 -30.34 3.00 -14.06
N THR B 91 -30.51 4.24 -14.51
CA THR B 91 -31.30 4.54 -15.70
C THR B 91 -30.45 5.35 -16.68
N GLU B 92 -31.06 5.67 -17.83
CA GLU B 92 -30.38 6.52 -18.80
C GLU B 92 -30.14 7.93 -18.28
N ALA B 93 -30.90 8.37 -17.28
CA ALA B 93 -30.63 9.68 -16.67
C ALA B 93 -29.30 9.71 -15.94
N ASP B 94 -28.75 8.54 -15.61
CA ASP B 94 -27.45 8.44 -14.96
C ASP B 94 -26.29 8.38 -15.95
N TYR B 95 -26.58 8.34 -17.25
CA TYR B 95 -25.53 8.27 -18.26
C TYR B 95 -24.66 9.52 -18.21
N LEU B 96 -23.36 9.33 -18.37
CA LEU B 96 -22.38 10.41 -18.26
C LEU B 96 -21.61 10.64 -19.55
N SER B 97 -20.98 9.61 -20.11
CA SER B 97 -20.12 9.78 -21.26
C SER B 97 -19.88 8.43 -21.92
N SER B 98 -19.28 8.50 -23.11
CA SER B 98 -18.82 7.32 -23.84
C SER B 98 -17.44 7.65 -24.42
N HIS B 99 -16.48 6.74 -24.22
CA HIS B 99 -15.14 6.91 -24.73
C HIS B 99 -14.73 5.68 -25.52
N LEU B 100 -13.88 5.89 -26.52
CA LEU B 100 -13.26 4.80 -27.27
C LEU B 100 -11.95 4.42 -26.60
N THR B 101 -11.83 3.15 -26.24
CA THR B 101 -10.67 2.69 -25.48
C THR B 101 -9.41 2.74 -26.34
N GLU B 102 -8.27 2.56 -25.67
CA GLU B 102 -6.99 2.48 -26.36
C GLU B 102 -6.90 1.16 -27.12
N GLY B 103 -5.74 0.90 -27.72
CA GLY B 103 -5.53 -0.32 -28.46
C GLY B 103 -5.55 -1.54 -27.58
N PRO B 104 -5.68 -2.72 -28.19
CA PRO B 104 -5.86 -2.89 -29.63
C PRO B 104 -7.32 -3.13 -30.06
N HIS B 105 -8.13 -3.69 -29.17
CA HIS B 105 -9.50 -4.04 -29.51
C HIS B 105 -10.36 -2.79 -29.64
N ARG B 106 -11.48 -2.94 -30.35
CA ARG B 106 -12.44 -1.85 -30.57
C ARG B 106 -13.52 -1.96 -29.50
N VAL B 107 -13.37 -1.16 -28.44
CA VAL B 107 -14.32 -1.13 -27.33
C VAL B 107 -14.74 0.31 -27.08
N VAL B 108 -16.05 0.53 -26.93
CA VAL B 108 -16.59 1.82 -26.51
C VAL B 108 -17.05 1.66 -25.06
N ALA B 109 -16.50 2.48 -24.18
CA ALA B 109 -16.75 2.38 -22.75
C ALA B 109 -17.75 3.45 -22.34
N HIS B 110 -18.94 3.01 -21.93
CA HIS B 110 -19.99 3.91 -21.47
C HIS B 110 -19.91 4.07 -19.97
N LEU B 111 -19.95 5.32 -19.50
CA LEU B 111 -19.82 5.65 -18.09
C LEU B 111 -21.13 6.19 -17.56
N TYR B 112 -21.59 5.63 -16.44
CA TYR B 112 -22.75 6.12 -15.73
C TYR B 112 -22.30 6.63 -14.35
N ALA B 113 -23.04 7.60 -13.83
CA ALA B 113 -22.73 8.17 -12.52
C ALA B 113 -24.02 8.48 -11.78
N ARG B 114 -23.97 8.29 -10.46
CA ARG B 114 -25.13 8.50 -9.62
C ARG B 114 -24.67 8.97 -8.25
N GLN B 115 -25.09 10.18 -7.87
CA GLN B 115 -24.75 10.70 -6.54
C GLN B 115 -25.70 10.13 -5.51
N LEU B 116 -25.14 9.54 -4.47
CA LEU B 116 -25.90 9.03 -3.34
C LEU B 116 -25.56 9.83 -2.09
N THR B 117 -26.32 9.59 -1.03
CA THR B 117 -25.87 10.04 0.28
C THR B 117 -24.79 9.08 0.78
N LEU B 118 -23.99 9.56 1.72
CA LEU B 118 -22.95 8.71 2.29
C LEU B 118 -23.55 7.47 2.95
N GLU B 119 -24.75 7.61 3.52
CA GLU B 119 -25.43 6.46 4.12
C GLU B 119 -25.86 5.46 3.05
N GLN B 120 -26.39 5.95 1.93
CA GLN B 120 -26.73 5.06 0.82
C GLN B 120 -25.48 4.42 0.24
N LEU B 121 -24.38 5.18 0.15
CA LEU B 121 -23.13 4.62 -0.35
C LEU B 121 -22.64 3.49 0.55
N HIS B 122 -22.71 3.67 1.86
CA HIS B 122 -22.33 2.60 2.78
C HIS B 122 -23.26 1.41 2.63
N ALA B 123 -24.55 1.65 2.36
CA ALA B 123 -25.49 0.55 2.14
C ALA B 123 -25.10 -0.26 0.90
N VAL B 124 -24.58 0.41 -0.12
CA VAL B 124 -24.08 -0.30 -1.29
C VAL B 124 -22.90 -1.18 -0.91
N GLU B 125 -21.99 -0.64 -0.08
CA GLU B 125 -20.85 -1.43 0.37
C GLU B 125 -21.29 -2.66 1.15
N ILE B 126 -22.28 -2.50 2.04
CA ILE B 126 -22.80 -3.64 2.79
C ILE B 126 -23.45 -4.65 1.86
N SER B 127 -24.13 -4.16 0.82
CA SER B 127 -24.79 -5.06 -0.13
C SER B 127 -23.77 -5.80 -0.99
N ALA B 128 -22.67 -5.14 -1.34
CA ALA B 128 -21.70 -5.73 -2.25
C ALA B 128 -20.98 -6.92 -1.63
N VAL B 129 -20.73 -6.89 -0.32
N VAL B 129 -20.71 -6.89 -0.33
CA VAL B 129 -20.06 -8.01 0.34
CA VAL B 129 -20.06 -8.03 0.31
C VAL B 129 -20.98 -9.22 0.46
C VAL B 129 -20.98 -9.24 0.33
N HIS B 130 -22.29 -9.03 0.31
CA HIS B 130 -23.25 -10.12 0.27
C HIS B 130 -23.63 -10.50 -1.16
N SER B 131 -23.02 -9.88 -2.16
CA SER B 131 -23.47 -10.01 -3.54
C SER B 131 -23.04 -11.37 -4.12
N ARG B 132 -23.59 -11.67 -5.30
CA ARG B 132 -23.41 -12.99 -5.90
C ARG B 132 -21.99 -13.19 -6.42
N ASP B 133 -21.36 -12.15 -6.95
CA ASP B 133 -20.04 -12.28 -7.55
C ASP B 133 -18.92 -11.87 -6.61
N HIS B 134 -19.22 -11.57 -5.35
CA HIS B 134 -18.16 -11.24 -4.41
C HIS B 134 -17.29 -12.46 -4.15
N GLY B 135 -15.98 -12.26 -4.19
CA GLY B 135 -15.04 -13.36 -4.15
C GLY B 135 -14.88 -14.09 -5.46
N LEU B 136 -15.57 -13.65 -6.52
CA LEU B 136 -15.46 -14.26 -7.83
C LEU B 136 -14.90 -13.20 -8.78
N GLU B 137 -15.76 -12.52 -9.55
CA GLU B 137 -15.27 -11.50 -10.47
C GLU B 137 -14.87 -10.23 -9.73
N VAL B 138 -15.46 -9.99 -8.55
CA VAL B 138 -15.18 -8.80 -7.76
C VAL B 138 -14.52 -9.25 -6.47
N LEU B 139 -13.31 -8.75 -6.22
CA LEU B 139 -12.52 -9.15 -5.07
C LEU B 139 -12.67 -8.20 -3.88
N GLY B 140 -13.44 -7.13 -4.03
CA GLY B 140 -13.68 -6.20 -2.95
C GLY B 140 -13.86 -4.78 -3.47
N LEU B 141 -14.63 -4.00 -2.74
CA LEU B 141 -14.86 -2.60 -3.03
C LEU B 141 -13.89 -1.74 -2.24
N VAL B 142 -13.46 -0.63 -2.84
CA VAL B 142 -12.58 0.33 -2.18
C VAL B 142 -13.12 1.74 -2.41
N ARG B 143 -12.93 2.59 -1.41
CA ARG B 143 -13.25 4.01 -1.52
C ARG B 143 -12.03 4.78 -2.01
N VAL B 144 -12.24 5.69 -2.95
CA VAL B 144 -11.16 6.51 -3.48
C VAL B 144 -10.85 7.62 -2.48
N PRO B 145 -9.62 7.72 -1.99
CA PRO B 145 -9.23 8.89 -1.18
C PRO B 145 -8.91 10.06 -2.10
N LEU B 146 -9.68 11.14 -1.97
CA LEU B 146 -9.48 12.30 -2.84
C LEU B 146 -8.57 13.35 -2.21
N TYR B 147 -8.27 13.22 -0.93
CA TYR B 147 -7.37 14.14 -0.24
C TYR B 147 -5.92 13.79 -0.55
N THR B 148 -5.02 14.69 -0.16
CA THR B 148 -3.59 14.47 -0.24
C THR B 148 -2.96 14.87 1.08
N GLN B 149 -2.14 13.98 1.65
CA GLN B 149 -1.54 14.22 2.94
C GLN B 149 -0.41 15.24 2.84
N LYS B 150 0.15 15.60 4.00
CA LYS B 150 1.18 16.63 4.06
C LYS B 150 2.42 16.23 3.27
N ASP B 151 2.70 14.93 3.16
CA ASP B 151 3.86 14.46 2.43
C ASP B 151 3.66 14.46 0.91
N ARG B 152 2.51 14.95 0.43
CA ARG B 152 2.20 15.19 -0.98
C ARG B 152 2.05 13.91 -1.80
N VAL B 153 2.01 12.73 -1.17
CA VAL B 153 1.79 11.50 -1.92
C VAL B 153 0.69 10.68 -1.25
N GLY B 154 0.58 10.79 0.07
CA GLY B 154 -0.42 10.04 0.82
C GLY B 154 -1.83 10.38 0.40
N GLY B 155 -2.63 9.35 0.11
CA GLY B 155 -4.01 9.56 -0.32
C GLY B 155 -4.20 9.43 -1.81
N PHE B 156 -4.70 10.49 -2.45
CA PHE B 156 -5.03 10.43 -3.87
C PHE B 156 -3.83 10.13 -4.77
N PRO B 157 -2.65 10.74 -4.61
CA PRO B 157 -1.53 10.38 -5.50
C PRO B 157 -1.10 8.93 -5.35
N ASN B 158 -0.98 8.43 -4.13
CA ASN B 158 -0.68 7.01 -3.93
C ASN B 158 -1.73 6.13 -4.59
N PHE B 159 -3.02 6.48 -4.43
CA PHE B 159 -4.09 5.71 -5.04
C PHE B 159 -3.93 5.65 -6.55
N LEU B 160 -3.60 6.78 -7.18
CA LEU B 160 -3.43 6.81 -8.62
C LEU B 160 -2.23 5.99 -9.10
N SER B 161 -1.32 5.65 -8.20
CA SER B 161 -0.18 4.81 -8.56
C SER B 161 -0.51 3.32 -8.53
N ASN B 162 -1.74 2.95 -8.20
CA ASN B 162 -2.15 1.56 -8.26
C ASN B 162 -2.32 1.12 -9.72
N ALA B 163 -2.68 -0.14 -9.91
CA ALA B 163 -2.85 -0.71 -11.24
C ALA B 163 -4.33 -0.67 -11.60
N PHE B 164 -4.67 0.11 -12.63
CA PHE B 164 -6.02 0.25 -13.11
C PHE B 164 -6.15 -0.41 -14.48
N VAL B 165 -7.37 -0.79 -14.83
CA VAL B 165 -7.70 -0.93 -16.24
C VAL B 165 -7.68 0.48 -16.84
N SER B 166 -6.90 0.66 -17.90
CA SER B 166 -6.55 2.02 -18.35
C SER B 166 -7.80 2.86 -18.61
N THR B 167 -8.86 2.24 -19.10
CA THR B 167 -10.10 2.97 -19.32
C THR B 167 -10.66 3.52 -18.02
N ALA B 168 -10.56 2.74 -16.94
CA ALA B 168 -11.14 3.15 -15.66
C ALA B 168 -10.42 4.37 -15.08
N LYS B 169 -9.09 4.42 -15.21
CA LYS B 169 -8.35 5.57 -14.71
C LYS B 169 -8.73 6.84 -15.47
N CYS B 170 -8.91 6.73 -16.79
CA CYS B 170 -9.35 7.89 -17.57
C CYS B 170 -10.77 8.31 -17.20
N GLN B 171 -11.65 7.33 -16.96
CA GLN B 171 -13.03 7.66 -16.62
C GLN B 171 -13.11 8.30 -15.23
N LEU B 172 -12.28 7.86 -14.30
CA LEU B 172 -12.27 8.46 -12.97
C LEU B 172 -11.85 9.92 -13.04
N LEU B 173 -10.72 10.19 -13.70
CA LEU B 173 -10.24 11.56 -13.82
C LEU B 173 -11.24 12.43 -14.58
N PHE B 174 -11.82 11.89 -15.66
CA PHE B 174 -12.82 12.64 -16.41
C PHE B 174 -14.02 12.97 -15.54
N ALA B 175 -14.51 12.01 -14.76
CA ALA B 175 -15.73 12.22 -14.00
C ALA B 175 -15.50 13.14 -12.81
N LEU B 176 -14.34 13.01 -12.13
CA LEU B 176 -14.03 13.91 -11.02
C LEU B 176 -14.02 15.36 -11.47
N LYS B 177 -13.64 15.61 -12.72
CA LYS B 177 -13.63 16.98 -13.23
C LYS B 177 -15.04 17.49 -13.52
N VAL B 178 -15.79 16.76 -14.37
CA VAL B 178 -17.07 17.26 -14.83
C VAL B 178 -18.14 17.23 -13.74
N LEU B 179 -17.97 16.40 -12.72
CA LEU B 179 -18.91 16.36 -11.60
C LEU B 179 -18.54 17.37 -10.51
N ASN B 180 -17.56 18.24 -10.78
CA ASN B 180 -17.16 19.30 -9.85
C ASN B 180 -16.73 18.73 -8.50
N MET B 181 -15.97 17.64 -8.53
CA MET B 181 -15.46 17.02 -7.31
C MET B 181 -13.98 17.28 -7.06
N MET B 182 -13.20 17.57 -8.10
CA MET B 182 -11.80 17.88 -7.97
C MET B 182 -11.47 18.95 -9.01
N PRO B 183 -10.81 20.03 -8.62
CA PRO B 183 -10.34 20.99 -9.62
C PRO B 183 -9.24 20.37 -10.46
N GLU B 184 -9.21 20.78 -11.75
CA GLU B 184 -8.28 20.19 -12.69
C GLU B 184 -6.83 20.37 -12.24
N GLU B 185 -6.52 21.48 -11.58
CA GLU B 185 -5.14 21.70 -11.12
C GLU B 185 -4.72 20.66 -10.10
N LYS B 186 -5.65 20.21 -9.26
CA LYS B 186 -5.33 19.18 -8.28
C LYS B 186 -5.24 17.80 -8.90
N LEU B 187 -6.02 17.55 -9.96
CA LEU B 187 -5.89 16.29 -10.69
C LEU B 187 -4.53 16.17 -11.36
N VAL B 188 -4.03 17.28 -11.92
CA VAL B 188 -2.75 17.27 -12.60
C VAL B 188 -1.62 16.98 -11.62
N GLU B 189 -1.60 17.69 -10.49
CA GLU B 189 -0.48 17.54 -9.56
C GLU B 189 -0.54 16.20 -8.84
N ALA B 190 -1.73 15.63 -8.63
CA ALA B 190 -1.82 14.28 -8.10
C ALA B 190 -1.25 13.27 -9.08
N LEU B 191 -1.56 13.43 -10.37
CA LEU B 191 -1.01 12.54 -11.39
C LEU B 191 0.50 12.66 -11.48
N ALA B 192 1.02 13.89 -11.44
CA ALA B 192 2.46 14.09 -11.48
C ALA B 192 3.13 13.47 -10.26
N ALA B 193 2.52 13.64 -9.09
CA ALA B 193 3.08 13.04 -7.88
C ALA B 193 3.03 11.52 -7.96
N ALA B 194 1.96 10.97 -8.53
CA ALA B 194 1.86 9.52 -8.70
C ALA B 194 2.95 9.00 -9.62
N THR B 195 3.20 9.71 -10.72
CA THR B 195 4.22 9.28 -11.68
C THR B 195 5.61 9.32 -11.05
N GLU B 196 5.92 10.38 -10.30
CA GLU B 196 7.23 10.48 -9.66
C GLU B 196 7.42 9.39 -8.62
N LYS B 197 6.36 9.08 -7.86
CA LYS B 197 6.46 7.97 -6.91
C LYS B 197 6.70 6.65 -7.63
N GLN B 198 6.05 6.45 -8.78
CA GLN B 198 6.28 5.24 -9.55
C GLN B 198 7.72 5.16 -10.06
N LYS B 199 8.29 6.30 -10.44
CA LYS B 199 9.68 6.32 -10.88
C LYS B 199 10.63 6.03 -9.73
N LYS B 200 10.41 6.69 -8.58
CA LYS B 200 11.27 6.47 -7.42
C LYS B 200 11.21 5.03 -6.95
N ALA B 201 10.02 4.42 -7.02
CA ALA B 201 9.88 3.03 -6.57
C ALA B 201 10.69 2.08 -7.43
N LEU B 202 10.68 2.30 -8.76
CA LEU B 202 11.41 1.42 -9.66
C LEU B 202 12.91 1.64 -9.60
N GLU B 203 13.36 2.77 -9.06
CA GLU B 203 14.80 3.03 -8.92
C GLU B 203 15.36 2.55 -7.59
N LYS B 204 14.53 1.93 -6.74
CA LYS B 204 15.07 1.24 -5.57
C LYS B 204 15.73 -0.07 -5.96
N LEU B 205 15.31 -0.66 -7.08
CA LEU B 205 16.03 -1.79 -7.66
C LEU B 205 17.05 -1.28 -8.66
N LEU B 206 18.24 -1.88 -8.67
CA LEU B 206 18.60 -3.01 -7.81
C LEU B 206 18.83 -2.60 -6.35
N PHE C 32 38.47 -1.17 18.86
CA PHE C 32 37.29 -0.43 18.43
C PHE C 32 36.15 -0.56 19.44
N VAL C 33 36.34 -1.45 20.41
CA VAL C 33 35.29 -1.72 21.40
C VAL C 33 35.10 -0.48 22.26
N GLY C 34 33.85 0.00 22.32
CA GLY C 34 33.50 1.16 23.11
C GLY C 34 33.46 2.47 22.34
N LEU C 35 33.86 2.46 21.07
CA LEU C 35 33.89 3.69 20.28
C LEU C 35 32.51 3.98 19.70
N ARG C 36 32.15 5.26 19.69
CA ARG C 36 30.91 5.69 19.06
C ARG C 36 31.06 5.65 17.54
N VAL C 37 30.03 5.12 16.87
CA VAL C 37 30.04 4.95 15.42
C VAL C 37 28.67 5.33 14.87
N VAL C 38 28.62 5.44 13.54
CA VAL C 38 27.37 5.50 12.79
C VAL C 38 27.41 4.36 11.77
N ALA C 39 26.39 3.53 11.76
CA ALA C 39 26.47 2.30 11.00
C ALA C 39 25.09 1.85 10.56
N LYS C 40 25.05 1.14 9.44
CA LYS C 40 23.84 0.45 9.00
C LYS C 40 23.91 -1.02 9.41
N TRP C 41 22.75 -1.58 9.71
CA TRP C 41 22.63 -2.99 10.07
C TRP C 41 22.04 -3.82 8.94
N SER C 42 21.92 -3.24 7.74
CA SER C 42 21.58 -3.97 6.52
C SER C 42 22.37 -3.36 5.38
N SER C 43 22.57 -4.14 4.33
CA SER C 43 23.47 -3.71 3.26
C SER C 43 22.93 -2.49 2.51
N ASN C 44 21.61 -2.30 2.50
CA ASN C 44 21.00 -1.19 1.76
C ASN C 44 20.24 -0.23 2.68
N GLY C 45 20.50 -0.28 3.99
CA GLY C 45 19.74 0.51 4.94
C GLY C 45 20.38 1.83 5.28
N TYR C 46 19.75 2.53 6.23
CA TYR C 46 20.27 3.79 6.74
C TYR C 46 21.35 3.54 7.79
N PHE C 47 22.21 4.54 7.96
CA PHE C 47 23.22 4.52 9.00
C PHE C 47 22.66 5.13 10.28
N TYR C 48 22.77 4.41 11.39
CA TYR C 48 22.27 4.87 12.68
C TYR C 48 23.40 4.96 13.68
N SER C 49 23.25 5.82 14.67
CA SER C 49 24.29 6.03 15.67
C SER C 49 24.29 4.90 16.70
N GLY C 50 25.47 4.56 17.17
CA GLY C 50 25.61 3.49 18.14
C GLY C 50 27.03 3.39 18.65
N LYS C 51 27.32 2.25 19.28
CA LYS C 51 28.64 1.98 19.82
C LYS C 51 29.02 0.53 19.55
N ILE C 52 30.31 0.31 19.31
CA ILE C 52 30.84 -1.04 19.18
C ILE C 52 30.98 -1.66 20.57
N THR C 53 30.45 -2.86 20.74
CA THR C 53 30.47 -3.53 22.03
C THR C 53 31.36 -4.77 22.07
N ARG C 54 31.62 -5.40 20.93
CA ARG C 54 32.38 -6.64 20.92
C ARG C 54 33.06 -6.79 19.56
N ASP C 55 34.31 -7.26 19.58
CA ASP C 55 35.03 -7.60 18.36
C ASP C 55 34.74 -9.05 18.05
N VAL C 56 33.75 -9.29 17.17
CA VAL C 56 33.36 -10.65 16.85
C VAL C 56 34.44 -11.36 16.04
N GLY C 57 35.25 -10.60 15.30
CA GLY C 57 36.34 -11.16 14.53
C GLY C 57 35.98 -11.31 13.05
N ALA C 58 37.03 -11.44 12.24
CA ALA C 58 36.91 -11.59 10.79
C ALA C 58 36.12 -10.42 10.18
N GLY C 59 36.47 -9.21 10.58
CA GLY C 59 35.79 -8.02 10.10
C GLY C 59 34.39 -7.82 10.63
N LYS C 60 33.97 -8.62 11.60
CA LYS C 60 32.64 -8.51 12.19
C LYS C 60 32.73 -7.85 13.55
N TYR C 61 31.69 -7.11 13.91
CA TYR C 61 31.61 -6.42 15.19
C TYR C 61 30.18 -6.48 15.69
N LYS C 62 30.04 -6.59 17.01
CA LYS C 62 28.73 -6.46 17.65
C LYS C 62 28.51 -5.00 17.99
N LEU C 63 27.35 -4.47 17.60
CA LEU C 63 27.06 -3.05 17.70
C LEU C 63 25.78 -2.86 18.50
N LEU C 64 25.85 -2.03 19.54
CA LEU C 64 24.67 -1.61 20.28
C LEU C 64 24.28 -0.23 19.78
N PHE C 65 23.19 -0.16 19.01
CA PHE C 65 22.69 1.11 18.54
C PHE C 65 22.04 1.87 19.70
N ASP C 66 22.07 3.20 19.61
CA ASP C 66 21.51 4.03 20.67
C ASP C 66 20.03 3.73 20.91
N ASP C 67 19.34 3.18 19.92
CA ASP C 67 17.93 2.83 20.03
C ASP C 67 17.71 1.49 20.74
N GLY C 68 18.76 0.79 21.13
CA GLY C 68 18.64 -0.47 21.83
C GLY C 68 18.82 -1.71 20.98
N TYR C 69 18.79 -1.57 19.66
CA TYR C 69 19.01 -2.72 18.78
C TYR C 69 20.48 -3.12 18.81
N GLU C 70 20.73 -4.41 19.02
CA GLU C 70 22.08 -4.94 19.05
C GLU C 70 22.20 -6.10 18.07
N CYS C 71 23.22 -6.07 17.23
CA CYS C 71 23.43 -7.10 16.22
C CYS C 71 24.87 -7.05 15.74
N ASP C 72 25.23 -8.05 14.94
CA ASP C 72 26.56 -8.12 14.33
C ASP C 72 26.57 -7.33 13.04
N VAL C 73 27.59 -6.50 12.86
CA VAL C 73 27.69 -5.59 11.72
C VAL C 73 29.07 -5.74 11.11
N LEU C 74 29.12 -5.85 9.78
CA LEU C 74 30.39 -5.90 9.08
C LEU C 74 31.06 -4.54 9.11
N GLY C 75 32.40 -4.55 9.19
CA GLY C 75 33.14 -3.31 9.25
C GLY C 75 32.93 -2.39 8.07
N LYS C 76 32.57 -2.96 6.92
CA LYS C 76 32.25 -2.14 5.75
C LYS C 76 31.03 -1.27 5.98
N ASP C 77 30.18 -1.61 6.95
CA ASP C 77 28.96 -0.87 7.24
C ASP C 77 29.12 0.10 8.40
N ILE C 78 30.34 0.31 8.89
CA ILE C 78 30.58 1.09 10.09
C ILE C 78 31.37 2.33 9.73
N LEU C 79 30.93 3.48 10.23
CA LEU C 79 31.63 4.75 10.08
C LEU C 79 32.14 5.20 11.45
N LEU C 80 33.44 5.46 11.54
CA LEU C 80 34.06 5.92 12.79
C LEU C 80 34.14 7.44 12.74
N CYS C 81 32.99 8.09 12.94
CA CYS C 81 32.94 9.53 13.06
C CYS C 81 31.95 9.91 14.14
N ASP C 82 32.41 10.73 15.09
CA ASP C 82 31.57 11.21 16.18
C ASP C 82 32.16 12.50 16.72
N PRO C 83 31.43 13.62 16.65
CA PRO C 83 30.10 13.66 16.04
C PRO C 83 30.17 13.68 14.51
N ILE C 84 29.01 13.56 13.87
CA ILE C 84 28.95 13.71 12.40
C ILE C 84 29.52 15.07 12.04
N PRO C 85 30.46 15.16 11.11
CA PRO C 85 31.19 16.42 10.91
C PRO C 85 30.31 17.53 10.37
N LEU C 86 30.75 18.76 10.61
CA LEU C 86 30.05 19.93 10.08
C LEU C 86 30.00 19.88 8.56
N ASP C 87 28.92 20.43 8.01
CA ASP C 87 28.60 20.49 6.59
C ASP C 87 28.21 19.14 6.00
N THR C 88 28.13 18.08 6.80
CA THR C 88 27.68 16.79 6.30
C THR C 88 26.19 16.85 5.96
N GLU C 89 25.82 16.26 4.83
CA GLU C 89 24.42 16.08 4.50
C GLU C 89 23.90 14.84 5.22
N VAL C 90 22.83 15.01 6.00
CA VAL C 90 22.28 13.95 6.82
C VAL C 90 20.77 13.85 6.53
N THR C 91 20.13 12.91 7.20
CA THR C 91 18.68 12.76 7.20
C THR C 91 18.18 12.98 8.61
N ALA C 92 17.36 14.02 8.80
CA ALA C 92 16.92 14.42 10.12
C ALA C 92 15.47 13.97 10.32
N LEU C 93 15.24 13.14 11.33
CA LEU C 93 13.94 12.58 11.61
C LEU C 93 13.15 13.52 12.53
N SER C 94 11.99 13.97 12.05
CA SER C 94 11.06 14.62 12.94
C SER C 94 10.25 13.57 13.69
N GLU C 95 9.74 13.95 14.86
CA GLU C 95 8.88 13.04 15.62
C GLU C 95 7.50 12.89 15.00
N ASP C 96 7.24 13.58 13.88
CA ASP C 96 6.00 13.38 13.12
C ASP C 96 5.95 11.98 12.51
N GLU C 97 7.12 11.40 12.21
CA GLU C 97 7.35 10.33 11.23
C GLU C 97 7.56 10.97 9.87
N TYR C 98 7.86 12.26 9.89
CA TYR C 98 8.39 13.01 8.75
C TYR C 98 9.91 12.98 8.82
N PHE C 99 10.54 13.02 7.65
CA PHE C 99 11.98 13.06 7.56
C PHE C 99 12.38 13.82 6.31
N SER C 100 13.57 14.44 6.35
CA SER C 100 14.05 15.21 5.21
C SER C 100 15.55 15.37 5.32
N ALA C 101 16.18 15.62 4.18
CA ALA C 101 17.62 15.85 4.15
C ALA C 101 17.95 17.23 4.70
N GLY C 102 19.14 17.32 5.29
CA GLY C 102 19.62 18.57 5.84
C GLY C 102 21.12 18.54 5.90
N VAL C 103 21.69 19.64 6.38
CA VAL C 103 23.14 19.81 6.47
C VAL C 103 23.50 20.17 7.91
N VAL C 104 24.49 19.47 8.47
CA VAL C 104 24.93 19.75 9.83
C VAL C 104 25.63 21.09 9.86
N LYS C 105 25.18 21.98 10.75
CA LYS C 105 25.77 23.30 10.90
C LYS C 105 26.30 23.58 12.30
N GLY C 106 26.15 22.64 13.24
CA GLY C 106 26.66 22.85 14.58
C GLY C 106 26.31 21.68 15.48
N HIS C 107 27.03 21.58 16.59
CA HIS C 107 26.76 20.61 17.63
C HIS C 107 26.79 21.28 18.99
N ARG C 108 26.07 20.70 19.93
CA ARG C 108 26.09 21.14 21.32
C ARG C 108 25.71 19.96 22.20
N LYS C 109 26.39 19.83 23.34
CA LYS C 109 26.12 18.78 24.31
C LYS C 109 25.41 19.41 25.50
N GLU C 110 24.14 19.04 25.68
CA GLU C 110 23.31 19.57 26.76
C GLU C 110 22.94 18.43 27.70
N SER C 111 23.50 18.46 28.91
CA SER C 111 23.19 17.47 29.94
C SER C 111 23.49 16.04 29.46
N GLY C 112 24.68 15.87 28.88
CA GLY C 112 25.12 14.58 28.41
C GLY C 112 24.53 14.11 27.11
N GLU C 113 23.64 14.89 26.50
CA GLU C 113 22.99 14.54 25.24
C GLU C 113 23.52 15.44 24.13
N LEU C 114 23.85 14.84 22.99
CA LEU C 114 24.35 15.60 21.84
C LEU C 114 23.20 16.06 20.97
N TYR C 115 23.27 17.31 20.52
CA TYR C 115 22.28 17.90 19.64
C TYR C 115 22.97 18.41 18.38
N TYR C 116 22.31 18.23 17.23
CA TYR C 116 22.81 18.68 15.94
C TYR C 116 21.96 19.85 15.46
N SER C 117 22.62 20.91 15.01
CA SER C 117 21.95 21.99 14.28
C SER C 117 21.91 21.59 12.81
N ILE C 118 20.71 21.35 12.29
CA ILE C 118 20.51 20.89 10.92
C ILE C 118 19.81 21.99 10.14
N GLU C 119 20.38 22.35 8.99
CA GLU C 119 19.82 23.36 8.13
C GLU C 119 19.07 22.72 6.97
N LYS C 120 17.83 23.16 6.76
CA LYS C 120 16.99 22.67 5.66
C LYS C 120 16.43 23.88 4.91
N GLU C 121 16.96 24.11 3.71
CA GLU C 121 16.56 25.25 2.87
C GLU C 121 16.62 26.57 3.64
N GLY C 122 17.73 26.76 4.35
CA GLY C 122 17.98 28.01 5.03
C GLY C 122 17.53 28.07 6.47
N GLN C 123 16.69 27.13 6.92
CA GLN C 123 16.19 27.13 8.28
C GLN C 123 16.92 26.08 9.11
N ARG C 124 17.40 26.49 10.29
CA ARG C 124 18.16 25.62 11.18
C ARG C 124 17.31 25.26 12.40
N LYS C 125 17.42 24.00 12.83
CA LYS C 125 16.74 23.53 14.03
C LYS C 125 17.61 22.50 14.72
N TRP C 126 17.39 22.33 16.01
CA TRP C 126 18.16 21.39 16.81
C TRP C 126 17.51 20.02 16.81
N TYR C 127 18.33 18.98 16.64
CA TYR C 127 17.88 17.60 16.62
C TYR C 127 18.72 16.78 17.57
N LYS C 128 18.06 15.91 18.34
CA LYS C 128 18.80 15.00 19.20
C LYS C 128 19.53 13.97 18.35
N ARG C 129 20.50 13.29 18.97
CA ARG C 129 21.40 12.41 18.22
C ARG C 129 20.65 11.32 17.49
N MET C 130 19.66 10.70 18.14
CA MET C 130 18.92 9.60 17.52
C MET C 130 18.02 10.06 16.38
N ALA C 131 17.75 11.37 16.27
CA ALA C 131 16.97 11.88 15.16
C ALA C 131 17.82 12.17 13.93
N VAL C 132 19.14 12.04 14.03
CA VAL C 132 20.06 12.37 12.94
C VAL C 132 20.67 11.06 12.45
N ILE C 133 20.35 10.70 11.22
CA ILE C 133 20.84 9.48 10.60
C ILE C 133 21.43 9.81 9.23
N LEU C 134 21.92 8.79 8.55
CA LEU C 134 22.48 8.94 7.20
C LEU C 134 21.79 7.96 6.28
N SER C 135 21.33 8.46 5.13
CA SER C 135 20.84 7.56 4.10
C SER C 135 21.98 6.70 3.56
N LEU C 136 21.63 5.66 2.82
CA LEU C 136 22.64 4.79 2.23
C LEU C 136 23.64 5.61 1.42
N GLU C 137 23.16 6.50 0.57
CA GLU C 137 24.05 7.30 -0.27
C GLU C 137 24.81 8.32 0.56
N GLN C 138 24.17 8.90 1.58
CA GLN C 138 24.83 9.88 2.42
C GLN C 138 25.97 9.27 3.22
N GLY C 139 25.73 8.11 3.81
CA GLY C 139 26.76 7.47 4.63
C GLY C 139 27.87 6.86 3.79
N ASN C 140 27.53 6.32 2.62
CA ASN C 140 28.54 5.74 1.75
C ASN C 140 29.60 6.76 1.34
N ARG C 141 29.22 8.03 1.22
CA ARG C 141 30.17 9.08 0.86
C ARG C 141 31.17 9.40 1.98
N LEU C 142 31.00 8.82 3.16
CA LEU C 142 31.91 9.03 4.28
C LEU C 142 32.84 7.85 4.51
N ARG C 143 32.77 6.80 3.69
CA ARG C 143 33.48 5.56 3.99
C ARG C 143 34.99 5.73 3.86
N GLU C 144 35.45 6.60 2.95
CA GLU C 144 36.89 6.77 2.79
C GLU C 144 37.50 7.49 3.99
N GLN C 145 36.82 8.50 4.52
CA GLN C 145 37.36 9.26 5.64
C GLN C 145 37.18 8.54 6.97
N TYR C 146 36.06 7.82 7.14
CA TYR C 146 35.69 7.28 8.44
C TYR C 146 35.33 5.81 8.45
N GLY C 147 35.22 5.15 7.30
CA GLY C 147 34.77 3.77 7.29
C GLY C 147 35.79 2.82 7.87
N LEU C 148 35.30 1.72 8.45
CA LEU C 148 36.17 0.75 9.11
C LEU C 148 36.81 -0.20 8.10
N GLY C 149 35.99 -0.87 7.29
CA GLY C 149 36.47 -1.90 6.41
C GLY C 149 36.54 -3.24 7.12
N PRO C 150 37.05 -4.28 6.42
CA PRO C 150 37.59 -4.25 5.07
C PRO C 150 36.53 -4.08 3.99
N TYR C 151 36.95 -3.71 2.79
CA TYR C 151 36.05 -3.46 1.66
C TYR C 151 36.42 -4.44 0.55
N GLU C 152 35.60 -5.49 0.41
CA GLU C 152 35.82 -6.50 -0.60
C GLU C 152 34.85 -6.34 -1.77
#